data_5UC0
#
_entry.id   5UC0
#
_cell.length_a   113.075
_cell.length_b   113.075
_cell.length_c   64.308
_cell.angle_alpha   90.00
_cell.angle_beta   90.00
_cell.angle_gamma   120.00
#
_symmetry.space_group_name_H-M   'P 63'
#
loop_
_entity.id
_entity.type
_entity.pdbx_description
1 polymer 'Uncharacterized Protein COG5400'
2 non-polymer 'SULFATE ION'
3 non-polymer 'CHLORIDE ION'
4 non-polymer 'PENTAETHYLENE GLYCOL'
5 water water
#
_entity_poly.entity_id   1
_entity_poly.type   'polypeptide(L)'
_entity_poly.pdbx_seq_one_letter_code
;SNANTYTAEEVVESGHRFFGSTSGGIASAVEKAFQSFGLPNGYILGEEGSGAFIGGLTYGEGTLYTKNAGDHKTFWQGPS
LGWDFGGQGSRV(MSE)(MSE)LVYNLDDIQHLYGRYAGVAGSAYVIAGVGFNVLKRENIVLVPIRTGIGARLGVNIGYL
KLSAAPTWNPF
;
_entity_poly.pdbx_strand_id   A,B
#
# COMPACT_ATOMS: atom_id res chain seq x y z
N ALA A 3 5.63 -25.57 19.01
CA ALA A 3 4.81 -25.28 20.19
C ALA A 3 5.22 -23.94 20.77
N ASN A 4 6.31 -23.38 20.24
CA ASN A 4 6.77 -22.03 20.54
C ASN A 4 6.25 -21.00 19.54
N THR A 5 5.47 -21.42 18.56
CA THR A 5 4.98 -20.58 17.48
C THR A 5 3.52 -20.20 17.70
N TYR A 6 3.10 -19.13 17.05
CA TYR A 6 1.71 -18.71 17.03
C TYR A 6 1.06 -19.09 15.71
N THR A 7 -0.21 -19.44 15.77
CA THR A 7 -0.94 -19.76 14.55
C THR A 7 -1.63 -18.51 14.02
N ALA A 8 -1.98 -18.54 12.74
CA ALA A 8 -2.67 -17.40 12.14
C ALA A 8 -3.95 -17.08 12.91
N GLU A 9 -4.63 -18.11 13.43
CA GLU A 9 -5.87 -17.88 14.15
C GLU A 9 -5.63 -17.14 15.46
N GLU A 10 -4.60 -17.55 16.21
CA GLU A 10 -4.25 -16.83 17.43
C GLU A 10 -3.82 -15.41 17.12
N VAL A 11 -3.10 -15.23 16.03
CA VAL A 11 -2.65 -13.89 15.63
C VAL A 11 -3.83 -13.04 15.18
N VAL A 12 -4.71 -13.60 14.34
CA VAL A 12 -5.87 -12.83 13.91
C VAL A 12 -6.71 -12.40 15.11
N GLU A 13 -6.79 -13.26 16.13
CA GLU A 13 -7.61 -12.89 17.29
C GLU A 13 -6.95 -11.78 18.08
N SER A 14 -5.64 -11.90 18.34
CA SER A 14 -4.93 -10.82 19.03
C SER A 14 -5.07 -9.49 18.29
N GLY A 15 -5.03 -9.54 16.95
CA GLY A 15 -5.14 -8.31 16.15
C GLY A 15 -6.55 -7.74 16.13
N HIS A 16 -7.57 -8.60 15.94
CA HIS A 16 -8.96 -8.16 16.07
C HIS A 16 -9.20 -7.44 17.38
N ARG A 17 -8.67 -8.00 18.47
CA ARG A 17 -8.88 -7.41 19.78
C ARG A 17 -8.05 -6.15 19.97
N PHE A 18 -6.81 -6.14 19.47
CA PHE A 18 -5.95 -4.98 19.69
C PHE A 18 -6.37 -3.80 18.81
N PHE A 19 -6.70 -4.07 17.54
CA PHE A 19 -7.10 -3.03 16.61
C PHE A 19 -8.57 -2.65 16.74
N GLY A 20 -9.33 -3.38 17.54
CA GLY A 20 -10.74 -3.06 17.69
C GLY A 20 -11.47 -3.14 16.36
N SER A 21 -11.18 -4.18 15.59
CA SER A 21 -11.69 -4.28 14.24
C SER A 21 -11.92 -5.75 13.95
N THR A 22 -13.05 -6.05 13.32
CA THR A 22 -13.27 -7.36 12.72
C THR A 22 -13.12 -7.31 11.21
N SER A 23 -12.71 -6.16 10.67
CA SER A 23 -12.47 -5.97 9.25
C SER A 23 -11.70 -7.14 8.66
N GLY A 24 -12.16 -7.63 7.51
CA GLY A 24 -11.51 -8.77 6.88
C GLY A 24 -10.07 -8.54 6.51
N GLY A 25 -9.64 -7.28 6.47
CA GLY A 25 -8.27 -6.98 6.09
C GLY A 25 -7.25 -7.53 7.06
N ILE A 26 -7.57 -7.54 8.35
CA ILE A 26 -6.65 -8.10 9.36
C ILE A 26 -6.34 -9.55 9.04
N ALA A 27 -7.38 -10.38 8.86
CA ALA A 27 -7.16 -11.79 8.55
C ALA A 27 -6.40 -11.95 7.24
N SER A 28 -6.76 -11.15 6.22
CA SER A 28 -6.08 -11.20 4.93
C SER A 28 -4.60 -10.89 5.06
N ALA A 29 -4.26 -9.87 5.85
CA ALA A 29 -2.85 -9.48 5.99
C ALA A 29 -2.09 -10.51 6.79
N VAL A 30 -2.68 -11.02 7.89
CA VAL A 30 -2.05 -12.08 8.66
C VAL A 30 -1.86 -13.32 7.79
N GLU A 31 -2.91 -13.70 7.05
CA GLU A 31 -2.82 -14.87 6.18
C GLU A 31 -1.75 -14.69 5.11
N LYS A 32 -1.45 -13.44 4.74
CA LYS A 32 -0.39 -13.18 3.77
C LYS A 32 0.98 -13.29 4.40
N ALA A 33 1.15 -12.76 5.61
CA ALA A 33 2.46 -12.82 6.26
C ALA A 33 2.86 -14.25 6.55
N PHE A 34 1.93 -15.05 7.07
CA PHE A 34 2.20 -16.46 7.35
C PHE A 34 2.54 -17.22 6.06
N GLN A 35 1.75 -17.02 5.02
CA GLN A 35 2.01 -17.66 3.74
C GLN A 35 3.40 -17.31 3.19
N SER A 36 3.90 -16.11 3.51
CA SER A 36 5.23 -15.71 3.08
C SER A 36 6.34 -16.08 4.07
N PHE A 37 6.05 -16.15 5.38
CA PHE A 37 7.12 -16.31 6.38
C PHE A 37 6.91 -17.42 7.38
N GLY A 38 5.77 -18.10 7.39
CA GLY A 38 5.52 -19.15 8.35
C GLY A 38 4.95 -18.62 9.65
N LEU A 39 5.21 -19.32 10.74
CA LEU A 39 4.61 -19.00 12.04
C LEU A 39 5.58 -18.21 12.88
N PRO A 40 5.14 -17.11 13.47
CA PRO A 40 6.02 -16.32 14.34
C PRO A 40 6.10 -16.96 15.71
N ASN A 41 7.21 -16.72 16.40
CA ASN A 41 7.29 -17.16 17.78
C ASN A 41 7.20 -15.98 18.76
N GLY A 42 6.73 -14.84 18.28
CA GLY A 42 6.46 -13.70 19.13
C GLY A 42 5.67 -12.66 18.38
N TYR A 43 5.00 -11.80 19.14
CA TYR A 43 4.34 -10.63 18.57
C TYR A 43 4.44 -9.45 19.54
N ILE A 44 4.43 -8.25 18.97
CA ILE A 44 4.51 -7.00 19.70
C ILE A 44 3.20 -6.25 19.46
N LEU A 45 2.52 -5.86 20.53
CA LEU A 45 1.42 -4.91 20.44
C LEU A 45 1.86 -3.60 21.10
N GLY A 46 1.65 -2.48 20.41
CA GLY A 46 2.06 -1.22 20.99
C GLY A 46 1.48 -0.06 20.25
N GLU A 47 1.93 1.14 20.65
CA GLU A 47 1.48 2.40 20.10
C GLU A 47 2.67 3.22 19.67
N GLU A 48 2.48 4.05 18.64
CA GLU A 48 3.52 4.90 18.08
C GLU A 48 3.01 6.32 17.99
N GLY A 49 3.91 7.27 18.21
CA GLY A 49 3.61 8.69 18.02
C GLY A 49 4.79 9.45 17.43
N SER A 50 4.50 10.41 16.55
CA SER A 50 5.56 11.16 15.87
C SER A 50 5.52 12.66 16.17
N GLY A 51 4.80 13.07 17.22
CA GLY A 51 4.55 14.49 17.42
C GLY A 51 5.76 15.30 17.85
N ALA A 52 6.70 14.67 18.57
CA ALA A 52 7.87 15.38 19.10
C ALA A 52 8.75 15.92 17.97
N PHE A 53 8.99 15.11 16.94
CA PHE A 53 9.68 15.55 15.74
C PHE A 53 8.70 15.93 14.62
N ILE A 54 7.47 16.31 15.00
CA ILE A 54 6.47 16.92 14.12
C ILE A 54 6.15 16.02 12.94
N GLY A 55 6.12 14.70 13.17
CA GLY A 55 5.80 13.72 12.14
C GLY A 55 6.98 12.96 11.55
N GLY A 56 8.23 13.47 11.67
CA GLY A 56 9.36 12.89 10.95
C GLY A 56 10.14 11.78 11.63
N LEU A 57 9.86 11.54 12.91
CA LEU A 57 10.45 10.43 13.66
C LEU A 57 9.36 9.83 14.53
N THR A 58 9.28 8.53 14.50
CA THR A 58 8.32 7.79 15.26
C THR A 58 8.94 7.20 16.50
N TYR A 59 8.29 7.40 17.63
CA TYR A 59 8.68 6.72 18.86
C TYR A 59 7.53 5.80 19.28
N GLY A 60 7.85 4.53 19.49
CA GLY A 60 6.83 3.55 19.81
C GLY A 60 7.09 2.86 21.13
N GLU A 61 6.05 2.28 21.70
CA GLU A 61 6.13 1.60 22.98
C GLU A 61 5.10 0.49 23.01
N GLY A 62 5.54 -0.71 23.38
CA GLY A 62 4.65 -1.83 23.40
C GLY A 62 5.26 -2.97 24.17
N THR A 63 4.63 -4.14 24.05
CA THR A 63 5.04 -5.32 24.76
C THR A 63 5.22 -6.46 23.78
N LEU A 64 6.32 -7.21 23.95
CA LEU A 64 6.61 -8.41 23.19
C LEU A 64 5.97 -9.60 23.89
N TYR A 65 5.15 -10.35 23.18
CA TYR A 65 4.45 -11.52 23.71
C TYR A 65 5.06 -12.78 23.12
N THR A 66 5.45 -13.71 23.98
CA THR A 66 5.92 -15.02 23.56
C THR A 66 5.15 -16.10 24.32
N LYS A 67 5.30 -17.33 23.87
CA LYS A 67 4.64 -18.44 24.54
C LYS A 67 5.45 -19.02 25.70
N ASN A 68 6.79 -19.01 25.63
CA ASN A 68 7.58 -19.59 26.71
C ASN A 68 8.84 -18.80 27.04
N ALA A 69 9.01 -17.61 26.48
CA ALA A 69 10.13 -16.76 26.83
C ALA A 69 9.67 -15.52 27.60
N GLY A 70 8.49 -15.57 28.16
CA GLY A 70 7.99 -14.42 28.89
C GLY A 70 7.61 -13.32 27.94
N ASP A 71 7.22 -12.20 28.53
CA ASP A 71 6.78 -11.03 27.80
C ASP A 71 7.65 -9.86 28.21
N HIS A 72 7.82 -8.89 27.32
CA HIS A 72 8.82 -7.86 27.54
C HIS A 72 8.37 -6.52 26.98
N LYS A 73 8.56 -5.45 27.76
CA LYS A 73 8.41 -4.11 27.23
C LYS A 73 9.44 -3.88 26.14
N THR A 74 8.98 -3.37 25.00
CA THR A 74 9.83 -3.07 23.85
C THR A 74 9.55 -1.65 23.40
N PHE A 75 10.62 -0.93 23.05
CA PHE A 75 10.52 0.43 22.55
C PHE A 75 11.14 0.47 21.16
N TRP A 76 10.70 1.42 20.33
CA TRP A 76 11.26 1.49 18.98
C TRP A 76 11.27 2.91 18.46
N GLN A 77 12.12 3.14 17.45
CA GLN A 77 12.36 4.44 16.85
C GLN A 77 12.57 4.26 15.36
N GLY A 78 12.06 5.20 14.56
CA GLY A 78 12.22 5.12 13.13
C GLY A 78 11.73 6.36 12.42
N PRO A 79 11.93 6.42 11.10
CA PRO A 79 11.38 7.54 10.34
C PRO A 79 9.88 7.38 10.21
N SER A 80 9.17 8.50 10.20
CA SER A 80 7.72 8.47 10.04
C SER A 80 7.26 9.39 8.93
N LEU A 81 6.14 9.02 8.33
CA LEU A 81 5.38 9.89 7.44
C LEU A 81 4.23 10.59 8.13
N GLY A 82 4.04 10.36 9.43
CA GLY A 82 3.03 11.06 10.18
C GLY A 82 1.73 10.32 10.37
N TRP A 83 1.70 9.02 10.12
CA TRP A 83 0.50 8.23 10.46
C TRP A 83 0.23 8.26 11.95
N ASP A 84 1.29 8.36 12.76
CA ASP A 84 1.20 8.40 14.20
C ASP A 84 1.24 9.82 14.72
N PHE A 85 1.09 10.81 13.82
CA PHE A 85 1.10 12.21 14.20
C PHE A 85 -0.09 12.56 15.07
N GLY A 86 -1.13 11.72 15.07
CA GLY A 86 -2.19 11.90 16.05
C GLY A 86 -1.63 11.90 17.46
N GLY A 87 -2.15 12.81 18.29
CA GLY A 87 -1.62 12.97 19.64
C GLY A 87 -1.74 11.70 20.48
N GLN A 88 -2.82 10.94 20.28
CA GLN A 88 -2.92 9.63 20.91
C GLN A 88 -2.07 8.59 20.21
N GLY A 89 -1.45 8.95 19.08
CA GLY A 89 -0.64 8.01 18.36
C GLY A 89 -1.51 7.04 17.58
N SER A 90 -0.90 5.90 17.26
CA SER A 90 -1.58 4.89 16.46
C SER A 90 -1.02 3.52 16.83
N ARG A 91 -1.85 2.50 16.63
CA ARG A 91 -1.50 1.18 17.10
C ARG A 91 -0.79 0.38 16.03
N VAL A 92 0.09 -0.50 16.46
CA VAL A 92 0.82 -1.39 15.55
C VAL A 92 0.96 -2.78 16.19
N LEU A 95 4.64 -8.90 13.87
CA LEU A 95 4.97 -10.31 13.98
C LEU A 95 6.49 -10.46 14.02
N VAL A 96 6.97 -11.33 14.90
CA VAL A 96 8.40 -11.58 15.07
C VAL A 96 8.68 -13.03 14.71
N TYR A 97 9.53 -13.24 13.72
CA TYR A 97 9.93 -14.57 13.28
C TYR A 97 11.36 -14.86 13.70
N ASN A 98 11.61 -16.10 14.14
CA ASN A 98 12.94 -16.62 14.41
C ASN A 98 13.58 -16.00 15.64
N LEU A 99 12.80 -15.56 16.62
CA LEU A 99 13.41 -15.06 17.85
C LEU A 99 13.92 -16.27 18.62
N ASP A 100 15.24 -16.38 18.77
CA ASP A 100 15.85 -17.47 19.53
C ASP A 100 16.14 -17.09 20.97
N ASP A 101 16.24 -15.80 21.27
CA ASP A 101 16.69 -15.32 22.57
C ASP A 101 16.34 -13.86 22.63
N ILE A 102 15.67 -13.43 23.71
CA ILE A 102 15.12 -12.07 23.79
C ILE A 102 16.19 -11.04 23.49
N GLN A 103 17.41 -11.25 23.98
CA GLN A 103 18.44 -10.24 23.80
C GLN A 103 18.78 -10.02 22.33
N HIS A 104 18.50 -10.99 21.47
CA HIS A 104 18.75 -10.82 20.03
C HIS A 104 17.71 -9.96 19.34
N LEU A 105 16.66 -9.53 20.05
CA LEU A 105 15.62 -8.70 19.46
C LEU A 105 16.07 -7.26 19.24
N TYR A 106 16.91 -6.73 20.13
CA TYR A 106 17.22 -5.32 20.10
C TYR A 106 18.29 -5.04 19.05
N GLY A 107 18.11 -3.94 18.33
CA GLY A 107 19.03 -3.54 17.29
C GLY A 107 18.29 -2.88 16.15
N ARG A 108 18.98 -2.73 15.02
CA ARG A 108 18.47 -2.00 13.88
C ARG A 108 18.00 -2.98 12.80
N TYR A 109 16.82 -2.70 12.25
CA TYR A 109 16.17 -3.54 11.26
C TYR A 109 16.14 -2.79 9.95
N ALA A 110 16.53 -3.47 8.87
CA ALA A 110 16.56 -2.91 7.53
C ALA A 110 15.37 -3.44 6.75
N GLY A 111 14.65 -2.52 6.11
CA GLY A 111 13.48 -2.93 5.33
C GLY A 111 13.86 -3.79 4.15
N VAL A 112 12.93 -4.65 3.76
CA VAL A 112 13.08 -5.51 2.59
C VAL A 112 12.31 -4.86 1.44
N ALA A 113 13.03 -4.52 0.38
CA ALA A 113 12.44 -3.76 -0.71
C ALA A 113 11.34 -4.57 -1.40
N GLY A 114 10.24 -3.90 -1.74
CA GLY A 114 9.12 -4.54 -2.40
C GLY A 114 8.31 -5.45 -1.52
N SER A 115 8.47 -5.36 -0.20
CA SER A 115 7.75 -6.19 0.75
C SER A 115 6.44 -5.56 1.22
N ALA A 116 6.15 -4.33 0.81
CA ALA A 116 4.90 -3.69 1.18
C ALA A 116 3.71 -4.50 0.71
N TYR A 117 2.74 -4.67 1.61
CA TYR A 117 1.47 -5.32 1.30
C TYR A 117 0.33 -4.55 1.95
N VAL A 118 -0.68 -4.17 1.16
CA VAL A 118 -1.87 -3.48 1.65
C VAL A 118 -3.11 -4.16 1.11
N ILE A 119 -4.06 -4.46 1.99
CA ILE A 119 -5.38 -4.94 1.55
C ILE A 119 -6.41 -4.54 2.59
N ALA A 120 -7.48 -3.90 2.13
CA ALA A 120 -8.67 -3.64 2.95
C ALA A 120 -8.35 -2.85 4.21
N GLY A 121 -7.51 -1.82 4.08
CA GLY A 121 -7.20 -0.95 5.19
C GLY A 121 -6.20 -1.50 6.19
N VAL A 122 -5.48 -2.55 5.83
CA VAL A 122 -4.45 -3.13 6.68
C VAL A 122 -3.22 -3.34 5.82
N GLY A 123 -2.06 -2.90 6.31
CA GLY A 123 -0.85 -2.95 5.54
C GLY A 123 0.32 -3.40 6.39
N PHE A 124 1.31 -3.98 5.73
CA PHE A 124 2.55 -4.29 6.42
C PHE A 124 3.71 -4.21 5.44
N ASN A 125 4.92 -4.27 5.99
CA ASN A 125 6.12 -4.53 5.22
C ASN A 125 7.02 -5.38 6.10
N VAL A 126 8.24 -5.63 5.64
CA VAL A 126 9.13 -6.61 6.23
C VAL A 126 10.47 -5.94 6.54
N LEU A 127 10.97 -6.14 7.75
CA LEU A 127 12.28 -5.65 8.15
C LEU A 127 13.07 -6.83 8.70
N LYS A 128 14.37 -6.86 8.43
CA LYS A 128 15.21 -7.97 8.81
C LYS A 128 16.44 -7.48 9.56
N ARG A 129 16.80 -8.20 10.62
CA ARG A 129 18.09 -8.01 11.26
C ARG A 129 18.62 -9.40 11.60
N GLU A 130 19.83 -9.69 11.14
CA GLU A 130 20.39 -11.03 11.23
C GLU A 130 19.37 -12.03 10.72
N ASN A 131 18.98 -13.01 11.53
CA ASN A 131 17.97 -13.96 11.09
C ASN A 131 16.58 -13.67 11.66
N ILE A 132 16.33 -12.46 12.13
CA ILE A 132 15.02 -12.09 12.64
C ILE A 132 14.30 -11.28 11.58
N VAL A 133 13.09 -11.72 11.23
CA VAL A 133 12.20 -10.98 10.35
C VAL A 133 11.16 -10.28 11.20
N LEU A 134 10.90 -9.02 10.88
CA LEU A 134 9.93 -8.21 11.62
C LEU A 134 8.86 -7.72 10.66
N VAL A 135 7.60 -7.93 11.01
CA VAL A 135 6.50 -7.57 10.12
C VAL A 135 5.55 -6.62 10.85
N PRO A 136 5.71 -5.30 10.74
CA PRO A 136 4.79 -4.36 11.41
C PRO A 136 3.48 -4.22 10.64
N ILE A 137 2.38 -4.59 11.29
CA ILE A 137 1.04 -4.52 10.69
C ILE A 137 0.33 -3.29 11.22
N ARG A 138 -0.16 -2.44 10.33
CA ARG A 138 -0.80 -1.21 10.73
C ARG A 138 -2.16 -1.10 10.07
N THR A 139 -3.00 -0.22 10.60
CA THR A 139 -4.34 0.02 10.08
C THR A 139 -4.50 1.47 9.65
N GLY A 140 -5.52 1.70 8.84
CA GLY A 140 -5.91 3.04 8.47
C GLY A 140 -4.82 3.74 7.70
N ILE A 141 -4.54 4.98 8.12
CA ILE A 141 -3.46 5.77 7.55
C ILE A 141 -2.15 5.01 7.61
N GLY A 142 -1.83 4.46 8.79
CA GLY A 142 -0.59 3.72 8.94
C GLY A 142 -0.47 2.56 7.97
N ALA A 143 -1.59 1.89 7.67
CA ALA A 143 -1.58 0.83 6.68
C ALA A 143 -0.95 1.32 5.38
N ARG A 144 -1.32 2.51 4.93
CA ARG A 144 -0.87 3.00 3.64
C ARG A 144 0.48 3.69 3.73
N LEU A 145 0.74 4.41 4.82
CA LEU A 145 1.97 5.17 4.94
C LEU A 145 3.13 4.38 5.55
N GLY A 146 2.82 3.43 6.44
CA GLY A 146 3.87 2.69 7.12
C GLY A 146 4.65 1.76 6.23
N VAL A 147 4.11 1.39 5.07
CA VAL A 147 4.81 0.46 4.19
C VAL A 147 6.03 1.17 3.59
N ASN A 148 6.15 2.46 3.86
CA ASN A 148 7.27 3.27 3.40
C ASN A 148 8.45 3.30 4.38
N ILE A 149 8.27 2.90 5.64
CA ILE A 149 9.42 2.82 6.55
C ILE A 149 10.36 1.74 6.08
N GLY A 150 11.63 2.06 6.00
CA GLY A 150 12.61 1.05 5.65
C GLY A 150 13.59 0.82 6.77
N TYR A 151 13.34 1.45 7.92
CA TYR A 151 14.26 1.39 9.05
C TYR A 151 13.47 1.42 10.35
N LEU A 152 13.83 0.53 11.27
CA LEU A 152 13.28 0.56 12.62
C LEU A 152 14.35 0.05 13.57
N LYS A 153 14.54 0.77 14.67
CA LYS A 153 15.40 0.31 15.74
C LYS A 153 14.53 -0.14 16.92
N LEU A 154 14.89 -1.27 17.52
CA LEU A 154 14.19 -1.83 18.68
C LEU A 154 15.12 -1.76 19.89
N SER A 155 14.58 -1.34 21.04
CA SER A 155 15.41 -1.16 22.23
C SER A 155 14.66 -1.68 23.46
N ALA A 156 15.44 -2.01 24.50
CA ALA A 156 14.89 -2.47 25.77
C ALA A 156 14.46 -1.33 26.67
N ALA A 157 14.91 -0.10 26.42
CA ALA A 157 14.54 1.09 27.16
C ALA A 157 14.17 2.19 26.17
N PRO A 158 13.35 3.16 26.60
CA PRO A 158 13.00 4.25 25.68
C PRO A 158 14.20 5.15 25.44
N THR A 159 14.29 5.64 24.22
CA THR A 159 15.41 6.47 23.82
C THR A 159 14.95 7.48 22.80
N TRP A 160 15.57 8.66 22.86
CA TRP A 160 15.41 9.65 21.82
C TRP A 160 16.20 9.29 20.58
N ASN A 161 17.29 8.54 20.77
CA ASN A 161 18.28 8.36 19.72
C ASN A 161 17.93 7.18 18.83
N PRO A 162 17.60 7.39 17.56
CA PRO A 162 17.20 6.28 16.69
C PRO A 162 18.36 5.52 16.06
N PHE A 163 19.61 5.83 16.40
CA PHE A 163 20.76 5.14 15.80
C PHE A 163 21.59 4.42 16.85
N ALA B 3 -19.39 -8.80 -26.45
CA ALA B 3 -18.04 -8.73 -27.01
C ALA B 3 -17.45 -7.35 -26.79
N ASN B 4 -17.29 -6.97 -25.52
CA ASN B 4 -16.74 -5.65 -25.21
C ASN B 4 -15.74 -5.63 -24.06
N THR B 5 -15.85 -6.51 -23.07
CA THR B 5 -14.93 -6.47 -21.94
C THR B 5 -13.64 -7.21 -22.26
N TYR B 6 -12.60 -6.86 -21.54
CA TYR B 6 -11.32 -7.56 -21.62
C TYR B 6 -11.25 -8.66 -20.57
N THR B 7 -10.34 -9.59 -20.80
CA THR B 7 -10.10 -10.67 -19.86
C THR B 7 -8.96 -10.30 -18.91
N ALA B 8 -8.85 -11.04 -17.81
CA ALA B 8 -7.74 -10.84 -16.90
C ALA B 8 -6.41 -11.12 -17.59
N GLU B 9 -6.34 -12.19 -18.38
CA GLU B 9 -5.11 -12.55 -19.07
C GLU B 9 -4.72 -11.47 -20.08
N GLU B 10 -5.72 -10.94 -20.81
CA GLU B 10 -5.47 -9.85 -21.75
C GLU B 10 -4.85 -8.65 -21.06
N VAL B 11 -5.46 -8.20 -19.96
CA VAL B 11 -4.99 -7.04 -19.22
C VAL B 11 -3.60 -7.30 -18.63
N VAL B 12 -3.36 -8.51 -18.14
CA VAL B 12 -2.04 -8.83 -17.59
C VAL B 12 -0.97 -8.74 -18.68
N GLU B 13 -1.24 -9.31 -19.85
CA GLU B 13 -0.23 -9.23 -20.90
C GLU B 13 -0.01 -7.79 -21.33
N SER B 14 -1.07 -6.99 -21.43
CA SER B 14 -0.89 -5.56 -21.62
C SER B 14 -0.07 -4.96 -20.48
N GLY B 15 -0.29 -5.42 -19.24
CA GLY B 15 0.47 -4.91 -18.12
C GLY B 15 1.95 -5.22 -18.19
N HIS B 16 2.28 -6.50 -18.46
CA HIS B 16 3.68 -6.90 -18.65
C HIS B 16 4.37 -6.07 -19.71
N ARG B 17 3.69 -5.83 -20.82
CA ARG B 17 4.30 -5.16 -21.96
C ARG B 17 4.50 -3.67 -21.68
N PHE B 18 3.47 -2.99 -21.16
CA PHE B 18 3.58 -1.56 -20.93
C PHE B 18 4.53 -1.25 -19.77
N PHE B 19 4.38 -1.96 -18.65
CA PHE B 19 5.27 -1.72 -17.51
C PHE B 19 6.67 -2.27 -17.72
N GLY B 20 6.86 -3.11 -18.73
CA GLY B 20 8.16 -3.69 -18.99
C GLY B 20 8.59 -4.59 -17.85
N SER B 21 7.67 -5.38 -17.33
CA SER B 21 7.95 -6.19 -16.15
C SER B 21 7.13 -7.47 -16.26
N THR B 22 7.80 -8.60 -16.04
CA THR B 22 7.10 -9.84 -15.73
C THR B 22 6.93 -10.01 -14.22
N SER B 23 6.99 -8.91 -13.47
CA SER B 23 6.72 -8.93 -12.04
C SER B 23 5.40 -9.63 -11.76
N GLY B 24 5.45 -10.64 -10.89
CA GLY B 24 4.25 -11.37 -10.54
C GLY B 24 3.20 -10.50 -9.88
N GLY B 25 3.59 -9.32 -9.38
CA GLY B 25 2.62 -8.42 -8.78
C GLY B 25 1.62 -7.90 -9.78
N ILE B 26 2.01 -7.80 -11.05
CA ILE B 26 1.07 -7.38 -12.10
C ILE B 26 -0.06 -8.39 -12.22
N ALA B 27 0.28 -9.68 -12.41
CA ALA B 27 -0.74 -10.71 -12.44
C ALA B 27 -1.57 -10.73 -11.16
N SER B 28 -0.94 -10.44 -10.02
CA SER B 28 -1.62 -10.50 -8.73
C SER B 28 -2.57 -9.33 -8.54
N ALA B 29 -2.15 -8.12 -8.93
CA ALA B 29 -3.01 -6.96 -8.78
C ALA B 29 -4.22 -7.05 -9.70
N VAL B 30 -4.00 -7.43 -10.97
CA VAL B 30 -5.10 -7.51 -11.92
C VAL B 30 -6.14 -8.52 -11.46
N GLU B 31 -5.69 -9.61 -10.84
CA GLU B 31 -6.63 -10.59 -10.30
C GLU B 31 -7.55 -9.95 -9.29
N LYS B 32 -6.98 -9.29 -8.29
CA LYS B 32 -7.79 -8.68 -7.22
C LYS B 32 -8.78 -7.68 -7.78
N ALA B 33 -8.34 -6.85 -8.73
CA ALA B 33 -9.25 -5.90 -9.35
C ALA B 33 -10.33 -6.63 -10.14
N PHE B 34 -9.99 -7.76 -10.77
CA PHE B 34 -10.99 -8.55 -11.47
C PHE B 34 -11.90 -9.27 -10.49
N GLN B 35 -11.37 -9.74 -9.36
CA GLN B 35 -12.21 -10.36 -8.35
C GLN B 35 -13.17 -9.34 -7.73
N SER B 36 -12.65 -8.17 -7.34
CA SER B 36 -13.52 -7.17 -6.71
C SER B 36 -14.49 -6.54 -7.70
N PHE B 37 -14.12 -6.43 -8.98
CA PHE B 37 -14.87 -5.59 -9.90
C PHE B 37 -15.34 -6.27 -11.17
N GLY B 38 -14.85 -7.46 -11.50
CA GLY B 38 -15.26 -8.12 -12.73
C GLY B 38 -14.44 -7.67 -13.94
N LEU B 39 -15.11 -7.55 -15.08
CA LEU B 39 -14.42 -7.38 -16.37
C LEU B 39 -14.51 -5.94 -16.83
N PRO B 40 -13.40 -5.25 -17.01
CA PRO B 40 -13.44 -3.86 -17.48
C PRO B 40 -13.67 -3.82 -18.97
N ASN B 41 -14.31 -2.74 -19.43
CA ASN B 41 -14.48 -2.57 -20.87
C ASN B 41 -13.61 -1.45 -21.42
N GLY B 42 -12.53 -1.10 -20.70
CA GLY B 42 -11.52 -0.20 -21.23
C GLY B 42 -10.27 -0.29 -20.38
N TYR B 43 -9.16 0.15 -20.95
CA TYR B 43 -7.94 0.40 -20.17
C TYR B 43 -7.15 1.52 -20.80
N ILE B 44 -6.59 2.38 -19.96
CA ILE B 44 -5.79 3.52 -20.35
C ILE B 44 -4.34 3.20 -20.07
N LEU B 45 -3.48 3.38 -21.06
CA LEU B 45 -2.04 3.32 -20.87
C LEU B 45 -1.49 4.73 -20.97
N GLY B 46 -0.70 5.15 -19.98
CA GLY B 46 -0.22 6.52 -20.03
C GLY B 46 0.94 6.77 -19.09
N GLU B 47 1.36 8.04 -19.04
CA GLU B 47 2.49 8.47 -18.24
C GLU B 47 2.15 9.74 -17.47
N GLU B 48 2.73 9.87 -16.28
CA GLU B 48 2.43 10.94 -15.35
C GLU B 48 3.66 11.80 -15.10
N GLY B 49 3.43 12.98 -14.53
CA GLY B 49 4.50 13.88 -14.15
C GLY B 49 4.05 15.01 -13.26
N SER B 50 4.81 15.27 -12.18
CA SER B 50 4.49 16.32 -11.22
C SER B 50 5.65 17.29 -11.02
N GLY B 51 6.54 17.41 -12.02
CA GLY B 51 7.69 18.28 -11.86
C GLY B 51 7.42 19.75 -12.03
N ALA B 52 6.35 20.10 -12.79
CA ALA B 52 5.93 21.48 -12.99
C ALA B 52 5.37 22.08 -11.70
N PHE B 53 4.56 21.30 -10.99
CA PHE B 53 4.10 21.67 -9.65
C PHE B 53 4.90 20.97 -8.55
N ILE B 54 6.18 20.69 -8.81
CA ILE B 54 7.19 20.24 -7.85
C ILE B 54 6.69 19.06 -7.01
N GLY B 55 5.82 18.24 -7.60
CA GLY B 55 5.20 17.15 -6.88
C GLY B 55 3.87 17.48 -6.24
N GLY B 56 3.41 18.73 -6.34
CA GLY B 56 2.13 19.10 -5.77
C GLY B 56 0.93 18.75 -6.62
N LEU B 57 1.14 18.46 -7.90
CA LEU B 57 0.05 18.23 -8.84
C LEU B 57 0.58 17.39 -9.99
N THR B 58 -0.11 16.28 -10.28
CA THR B 58 0.23 15.38 -11.39
C THR B 58 -0.53 15.75 -12.64
N TYR B 59 0.17 15.75 -13.78
CA TYR B 59 -0.44 15.87 -15.10
C TYR B 59 -0.13 14.63 -15.91
N GLY B 60 -1.18 13.96 -16.39
CA GLY B 60 -1.01 12.70 -17.09
C GLY B 60 -1.57 12.71 -18.49
N GLU B 61 -1.08 11.78 -19.31
CA GLU B 61 -1.46 11.69 -20.71
C GLU B 61 -1.34 10.24 -21.15
N GLY B 62 -2.28 9.79 -21.96
CA GLY B 62 -2.19 8.45 -22.46
C GLY B 62 -3.22 8.17 -23.53
N THR B 63 -3.57 6.90 -23.67
CA THR B 63 -4.58 6.49 -24.63
C THR B 63 -5.51 5.51 -23.97
N LEU B 64 -6.81 5.71 -24.17
CA LEU B 64 -7.83 4.77 -23.75
C LEU B 64 -8.07 3.79 -24.89
N TYR B 65 -7.93 2.49 -24.60
CA TYR B 65 -8.11 1.44 -25.59
C TYR B 65 -9.41 0.71 -25.35
N THR B 66 -10.20 0.54 -26.41
CA THR B 66 -11.43 -0.24 -26.37
C THR B 66 -11.45 -1.17 -27.55
N LYS B 67 -12.41 -2.11 -27.50
CA LYS B 67 -12.58 -3.06 -28.59
C LYS B 67 -13.41 -2.50 -29.74
N ASN B 68 -14.38 -1.62 -29.46
CA ASN B 68 -15.27 -1.15 -30.51
C ASN B 68 -15.35 0.37 -30.60
N ALA B 69 -15.23 1.06 -29.47
CA ALA B 69 -15.38 2.50 -29.49
C ALA B 69 -14.17 3.22 -30.07
N GLY B 70 -13.10 2.50 -30.37
CA GLY B 70 -11.88 3.13 -30.81
C GLY B 70 -10.99 3.51 -29.64
N ASP B 71 -9.80 4.00 -29.98
CA ASP B 71 -8.78 4.38 -29.02
C ASP B 71 -8.70 5.90 -28.98
N HIS B 72 -8.77 6.47 -27.78
CA HIS B 72 -8.95 7.91 -27.63
C HIS B 72 -7.90 8.49 -26.71
N LYS B 73 -7.25 9.57 -27.16
CA LYS B 73 -6.33 10.33 -26.32
C LYS B 73 -7.03 10.74 -25.04
N THR B 74 -6.34 10.55 -23.92
CA THR B 74 -6.85 10.88 -22.60
C THR B 74 -5.80 11.65 -21.82
N PHE B 75 -6.26 12.62 -21.04
CA PHE B 75 -5.41 13.42 -20.17
C PHE B 75 -6.00 13.36 -18.77
N TRP B 76 -5.14 13.44 -17.74
CA TRP B 76 -5.67 13.52 -16.39
C TRP B 76 -4.84 14.46 -15.53
N GLN B 77 -5.49 15.02 -14.52
CA GLN B 77 -4.90 15.90 -13.54
C GLN B 77 -5.32 15.42 -12.16
N GLY B 78 -4.42 15.54 -11.19
CA GLY B 78 -4.74 15.15 -9.84
C GLY B 78 -3.61 15.53 -8.91
N PRO B 79 -3.80 15.34 -7.60
CA PRO B 79 -2.73 15.66 -6.65
C PRO B 79 -1.53 14.75 -6.90
N SER B 80 -0.44 15.04 -6.20
CA SER B 80 0.67 14.11 -6.31
C SER B 80 1.42 14.05 -5.00
N LEU B 81 2.02 12.89 -4.77
CA LEU B 81 3.02 12.69 -3.72
C LEU B 81 4.43 12.66 -4.30
N GLY B 82 4.61 13.03 -5.56
CA GLY B 82 5.92 13.09 -6.18
C GLY B 82 6.38 11.76 -6.75
N PHE B 85 7.39 12.47 -10.01
CA PHE B 85 8.25 13.63 -9.88
C PHE B 85 9.50 13.49 -10.75
N GLY B 86 9.94 12.24 -10.95
CA GLY B 86 11.13 12.00 -11.75
C GLY B 86 10.99 12.57 -13.16
N GLY B 87 12.13 12.74 -13.81
CA GLY B 87 12.14 13.39 -15.11
C GLY B 87 11.34 12.62 -16.14
N GLN B 88 11.56 11.32 -16.21
CA GLN B 88 10.85 10.49 -17.19
C GLN B 88 9.38 10.33 -16.84
N GLY B 89 8.96 10.76 -15.67
CA GLY B 89 7.64 10.44 -15.26
C GLY B 89 7.52 8.95 -15.00
N SER B 90 6.28 8.51 -14.81
CA SER B 90 6.03 7.13 -14.44
C SER B 90 4.80 6.64 -15.15
N ARG B 91 4.75 5.33 -15.37
CA ARG B 91 3.70 4.74 -16.17
C ARG B 91 2.49 4.40 -15.29
N VAL B 92 1.31 4.34 -15.93
N VAL B 92 1.33 4.28 -15.93
CA VAL B 92 0.07 3.93 -15.27
CA VAL B 92 0.11 3.89 -15.24
C VAL B 92 -0.75 3.09 -16.25
C VAL B 92 -0.78 3.13 -16.22
N LEU B 95 -7.64 0.56 -15.34
CA LEU B 95 -8.79 -0.23 -15.76
C LEU B 95 -10.05 0.62 -15.71
N VAL B 96 -10.88 0.52 -16.75
CA VAL B 96 -12.11 1.30 -16.87
C VAL B 96 -13.29 0.34 -16.86
N TYR B 97 -14.21 0.54 -15.92
CA TYR B 97 -15.38 -0.31 -15.76
C TYR B 97 -16.64 0.49 -16.08
N ASN B 98 -17.55 -0.12 -16.83
CA ASN B 98 -18.87 0.44 -17.12
C ASN B 98 -18.80 1.66 -18.03
N LEU B 99 -17.89 1.64 -19.01
CA LEU B 99 -17.77 2.77 -19.93
C LEU B 99 -18.69 2.53 -21.12
N ASP B 100 -19.84 3.21 -21.14
CA ASP B 100 -20.79 3.09 -22.25
C ASP B 100 -20.46 4.05 -23.38
N ASP B 101 -20.58 5.34 -23.13
CA ASP B 101 -20.37 6.40 -24.11
C ASP B 101 -19.04 7.05 -23.75
N ILE B 102 -18.12 7.10 -24.72
CA ILE B 102 -16.80 7.69 -24.48
C ILE B 102 -16.95 9.05 -23.81
N GLN B 103 -17.92 9.85 -24.25
CA GLN B 103 -18.08 11.18 -23.67
C GLN B 103 -18.42 11.13 -22.19
N HIS B 104 -18.88 9.99 -21.68
CA HIS B 104 -19.15 9.89 -20.25
C HIS B 104 -17.89 9.59 -19.43
N LEU B 105 -16.73 9.43 -20.08
CA LEU B 105 -15.50 9.18 -19.33
C LEU B 105 -15.03 10.41 -18.58
N TYR B 106 -15.15 11.58 -19.19
CA TYR B 106 -14.44 12.76 -18.71
C TYR B 106 -15.17 13.37 -17.52
N GLY B 107 -14.39 14.01 -16.65
CA GLY B 107 -14.88 14.67 -15.45
C GLY B 107 -14.13 14.21 -14.22
N ARG B 108 -14.70 14.53 -13.05
CA ARG B 108 -14.02 14.38 -11.77
C ARG B 108 -14.38 13.06 -11.11
N TYR B 109 -13.35 12.33 -10.67
CA TYR B 109 -13.49 11.02 -10.05
C TYR B 109 -13.08 11.13 -8.59
N ALA B 110 -13.91 10.60 -7.69
CA ALA B 110 -13.66 10.65 -6.26
C ALA B 110 -13.23 9.28 -5.76
N GLY B 111 -12.16 9.26 -4.96
CA GLY B 111 -11.63 7.98 -4.50
C GLY B 111 -12.59 7.24 -3.59
N VAL B 112 -12.41 5.93 -3.55
CA VAL B 112 -13.17 5.05 -2.67
C VAL B 112 -12.30 4.75 -1.45
N ALA B 113 -12.82 5.06 -0.26
CA ALA B 113 -12.05 4.89 0.96
C ALA B 113 -11.68 3.43 1.19
N GLY B 114 -10.45 3.20 1.66
CA GLY B 114 -9.98 1.87 1.99
C GLY B 114 -9.88 0.92 0.82
N SER B 115 -9.91 1.44 -0.41
CA SER B 115 -9.88 0.61 -1.61
C SER B 115 -8.46 0.29 -2.07
N ALA B 116 -7.44 0.77 -1.38
CA ALA B 116 -6.07 0.54 -1.83
C ALA B 116 -5.68 -0.92 -1.72
N TYR B 117 -4.95 -1.40 -2.71
CA TYR B 117 -4.38 -2.74 -2.73
C TYR B 117 -2.95 -2.65 -3.23
N VAL B 118 -2.01 -3.25 -2.49
CA VAL B 118 -0.60 -3.22 -2.87
C VAL B 118 -0.02 -4.62 -2.69
N ILE B 119 0.64 -5.14 -3.73
CA ILE B 119 1.27 -6.45 -3.66
C ILE B 119 2.47 -6.48 -4.60
N ALA B 120 3.62 -6.87 -4.07
CA ALA B 120 4.84 -7.09 -4.83
C ALA B 120 5.11 -5.96 -5.84
N GLY B 121 5.25 -4.74 -5.32
CA GLY B 121 5.63 -3.62 -6.14
C GLY B 121 4.59 -3.11 -7.11
N VAL B 122 3.35 -3.55 -6.99
CA VAL B 122 2.24 -3.08 -7.81
C VAL B 122 1.13 -2.63 -6.88
N GLY B 123 0.36 -1.63 -7.31
CA GLY B 123 -0.67 -1.09 -6.45
C GLY B 123 -1.70 -0.31 -7.25
N PHE B 124 -2.94 -0.34 -6.77
CA PHE B 124 -4.00 0.50 -7.31
C PHE B 124 -4.86 0.99 -6.17
N ASN B 125 -5.69 1.98 -6.46
CA ASN B 125 -6.89 2.21 -5.66
C ASN B 125 -8.04 2.42 -6.62
N VAL B 126 -9.21 2.82 -6.13
CA VAL B 126 -10.42 2.87 -6.94
C VAL B 126 -11.06 4.24 -6.78
N LEU B 127 -11.41 4.87 -7.89
CA LEU B 127 -12.13 6.13 -7.88
C LEU B 127 -13.35 5.97 -8.78
N LYS B 128 -14.35 6.82 -8.60
CA LYS B 128 -15.61 6.65 -9.30
C LYS B 128 -16.20 7.99 -9.71
N ARG B 129 -16.90 7.96 -10.84
CA ARG B 129 -17.71 9.09 -11.27
C ARG B 129 -18.98 8.49 -11.85
N GLU B 130 -20.10 8.76 -11.21
CA GLU B 130 -21.37 8.12 -11.53
C GLU B 130 -21.13 6.61 -11.48
N ASN B 131 -21.46 5.87 -12.52
CA ASN B 131 -21.38 4.42 -12.47
C ASN B 131 -20.11 3.87 -13.12
N ILE B 132 -19.26 4.74 -13.66
CA ILE B 132 -17.96 4.31 -14.17
C ILE B 132 -17.01 4.14 -13.00
N VAL B 133 -16.14 3.14 -13.09
CA VAL B 133 -15.15 2.82 -12.06
C VAL B 133 -13.78 2.83 -12.70
N LEU B 134 -12.85 3.53 -12.06
CA LEU B 134 -11.50 3.73 -12.58
C LEU B 134 -10.52 3.08 -11.60
N VAL B 135 -9.63 2.24 -12.11
CA VAL B 135 -8.64 1.58 -11.25
C VAL B 135 -7.23 1.88 -11.75
N PRO B 136 -6.56 2.91 -11.24
CA PRO B 136 -5.21 3.24 -11.71
C PRO B 136 -4.16 2.33 -11.07
N ILE B 137 -3.48 1.55 -11.90
CA ILE B 137 -2.46 0.60 -11.46
C ILE B 137 -1.09 1.21 -11.73
N ARG B 138 -0.22 1.19 -10.73
CA ARG B 138 1.14 1.68 -10.91
C ARG B 138 2.11 0.73 -10.25
N THR B 139 3.39 0.87 -10.59
CA THR B 139 4.43 0.03 -10.03
C THR B 139 5.45 0.89 -9.28
N GLY B 140 6.22 0.23 -8.43
CA GLY B 140 7.34 0.89 -7.78
C GLY B 140 6.85 1.90 -6.78
N ILE B 141 7.49 3.07 -6.82
CA ILE B 141 7.14 4.15 -5.89
C ILE B 141 5.68 4.53 -6.03
N GLY B 142 5.17 4.51 -7.27
CA GLY B 142 3.78 4.87 -7.50
C GLY B 142 2.80 3.84 -6.96
N ALA B 143 3.22 2.58 -6.87
CA ALA B 143 2.38 1.57 -6.24
C ALA B 143 2.08 1.95 -4.79
N ARG B 144 3.11 2.35 -4.04
CA ARG B 144 2.90 2.65 -2.63
C ARG B 144 2.25 4.00 -2.43
N LEU B 145 2.71 5.03 -3.16
CA LEU B 145 2.23 6.39 -2.93
C LEU B 145 0.92 6.69 -3.65
N GLY B 146 0.69 6.09 -4.81
CA GLY B 146 -0.47 6.44 -5.60
C GLY B 146 -1.78 6.12 -4.92
N VAL B 147 -1.79 5.11 -4.05
CA VAL B 147 -3.02 4.65 -3.42
C VAL B 147 -3.54 5.62 -2.36
N ASN B 148 -2.84 6.72 -2.13
CA ASN B 148 -3.27 7.76 -1.22
C ASN B 148 -4.06 8.87 -1.89
N ILE B 149 -4.12 8.86 -3.22
CA ILE B 149 -4.76 9.90 -4.01
C ILE B 149 -6.22 9.53 -4.24
N GLY B 150 -7.11 10.41 -3.81
CA GLY B 150 -8.52 10.12 -3.90
C GLY B 150 -9.26 11.11 -4.78
N TYR B 151 -8.56 11.66 -5.77
CA TYR B 151 -9.19 12.53 -6.76
C TYR B 151 -8.44 12.43 -8.07
N LEU B 152 -9.19 12.40 -9.16
CA LEU B 152 -8.65 12.47 -10.50
C LEU B 152 -9.68 13.11 -11.42
N LYS B 153 -9.25 14.02 -12.28
CA LYS B 153 -10.07 14.53 -13.36
C LYS B 153 -9.52 14.01 -14.68
N LEU B 154 -10.39 13.42 -15.49
CA LEU B 154 -10.05 12.95 -16.83
C LEU B 154 -10.66 13.89 -17.85
N SER B 155 -9.90 14.24 -18.90
CA SER B 155 -10.36 15.19 -19.89
C SER B 155 -9.83 14.83 -21.28
N ALA B 156 -10.52 15.35 -22.31
CA ALA B 156 -10.25 14.99 -23.70
C ALA B 156 -9.12 15.79 -24.33
N ALA B 157 -8.81 16.97 -23.79
CA ALA B 157 -7.70 17.82 -24.19
C ALA B 157 -6.91 18.22 -22.94
N PRO B 158 -5.60 18.44 -23.07
CA PRO B 158 -4.81 18.77 -21.88
C PRO B 158 -5.19 20.14 -21.34
N THR B 159 -4.94 20.30 -20.05
CA THR B 159 -5.23 21.56 -19.36
C THR B 159 -4.41 21.63 -18.09
N TRP B 160 -4.04 22.86 -17.74
CA TRP B 160 -3.40 23.10 -16.45
C TRP B 160 -4.40 23.07 -15.31
N ASN B 161 -5.64 23.19 -15.62
CA ASN B 161 -6.61 23.29 -14.55
C ASN B 161 -7.02 21.89 -14.10
N PRO B 162 -6.93 21.58 -12.80
CA PRO B 162 -7.29 20.24 -12.31
C PRO B 162 -8.71 20.10 -11.79
N PHE B 163 -9.54 21.15 -11.87
CA PHE B 163 -10.91 21.12 -11.37
C PHE B 163 -11.88 21.36 -12.51
#